data_8A24
#
_entry.id   8A24
#
_cell.length_a   81.852
_cell.length_b   81.852
_cell.length_c   68.210
_cell.angle_alpha   90.000
_cell.angle_beta   90.000
_cell.angle_gamma   120.000
#
_symmetry.space_group_name_H-M   'P 31 2 1'
#
loop_
_entity.id
_entity.type
_entity.pdbx_description
1 polymer 'Lysophospholipase A'
2 non-polymer 'IODIDE ION'
3 water water
#
_entity_poly.entity_id   1
_entity_poly.type   'polypeptide(L)'
_entity_poly.pdbx_seq_one_letter_code
;MASWSHPQFEKGAETAVPNSSSMTPLNNIVVFGDSLSDNGNLYEYMKHQLPQSPPYFEGRFSNGPVWIERLAASYFPNDP
NSHLLDYAFGGAGVSVDEEDDEVFFTLRREVNSYLLAHQDKASPDSLFVIWIGANNYLGMPVEVEETLKNVNRGIADSIQ
RLVDKGAKHILVLNLPDLGRTPAALEFGSVEEMTYFSAQHNNALSNTVDYFKKTYPEVEWLFFDTGSHFDHVIEHASEYG
FTNITGTCSFSIVDEITKNSVLKMVASVKPELTESACDGYLFFDLVHPTALAHKIMAEKARLMLDEAGVEFAEN
;
_entity_poly.pdbx_strand_id   A
#
loop_
_chem_comp.id
_chem_comp.type
_chem_comp.name
_chem_comp.formula
IOD non-polymer 'IODIDE ION' 'I -1'
#
# COMPACT_ATOMS: atom_id res chain seq x y z
N PRO A 25 7.02 -23.94 7.86
CA PRO A 25 5.93 -23.16 7.25
C PRO A 25 5.64 -21.87 8.03
N LEU A 26 4.81 -21.01 7.45
CA LEU A 26 4.47 -19.73 8.05
C LEU A 26 3.01 -19.73 8.51
N ASN A 27 2.75 -19.03 9.62
CA ASN A 27 1.46 -19.07 10.28
C ASN A 27 0.54 -17.91 9.92
N ASN A 28 1.07 -16.69 9.77
CA ASN A 28 0.22 -15.53 9.55
C ASN A 28 0.97 -14.48 8.74
N ILE A 29 0.30 -13.36 8.51
CA ILE A 29 0.83 -12.26 7.70
C ILE A 29 0.70 -10.98 8.50
N VAL A 30 1.79 -10.21 8.56
CA VAL A 30 1.83 -8.91 9.22
C VAL A 30 2.19 -7.88 8.15
N VAL A 31 1.29 -6.93 7.91
CA VAL A 31 1.46 -5.94 6.86
C VAL A 31 1.55 -4.56 7.50
N PHE A 32 2.63 -3.85 7.21
CA PHE A 32 2.80 -2.44 7.54
C PHE A 32 2.60 -1.64 6.26
N GLY A 33 1.64 -0.73 6.25
CA GLY A 33 1.34 0.00 5.05
C GLY A 33 0.49 1.23 5.30
N ASP A 34 -0.12 1.72 4.22
CA ASP A 34 -0.90 2.95 4.27
C ASP A 34 -2.31 2.68 3.75
N SER A 35 -2.93 3.66 3.10
CA SER A 35 -4.30 3.49 2.64
C SER A 35 -4.43 2.41 1.57
N LEU A 36 -3.32 2.01 0.95
CA LEU A 36 -3.37 0.96 -0.06
C LEU A 36 -3.41 -0.44 0.55
N SER A 37 -3.19 -0.57 1.87
CA SER A 37 -3.23 -1.86 2.54
C SER A 37 -4.13 -1.88 3.78
N ASP A 38 -4.67 -0.74 4.19
CA ASP A 38 -5.52 -0.70 5.38
C ASP A 38 -6.79 -1.52 5.14
N ASN A 39 -7.12 -2.37 6.10
CA ASN A 39 -8.32 -3.19 6.04
C ASN A 39 -9.38 -2.71 7.04
N GLY A 40 -9.40 -1.42 7.34
CA GLY A 40 -10.44 -0.84 8.17
C GLY A 40 -9.95 -0.28 9.50
N ASN A 41 -8.64 -0.06 9.62
CA ASN A 41 -8.09 0.42 10.89
C ASN A 41 -8.51 1.86 11.15
N LEU A 42 -8.30 2.76 10.18
CA LEU A 42 -8.74 4.13 10.35
C LEU A 42 -10.25 4.22 10.43
N TYR A 43 -10.95 3.39 9.64
CA TYR A 43 -12.41 3.37 9.66
C TYR A 43 -12.95 3.19 11.07
N GLU A 44 -12.36 2.27 11.84
CA GLU A 44 -12.81 2.06 13.20
C GLU A 44 -12.55 3.28 14.08
N TYR A 45 -11.32 3.81 14.02
CA TYR A 45 -11.01 4.98 14.85
C TYR A 45 -11.86 6.17 14.47
N MET A 46 -12.22 6.30 13.19
CA MET A 46 -13.06 7.39 12.71
C MET A 46 -14.54 7.17 12.98
N LYS A 47 -14.90 6.11 13.69
CA LYS A 47 -16.31 5.82 14.00
C LYS A 47 -17.11 5.64 12.71
N HIS A 48 -16.55 4.91 11.75
CA HIS A 48 -17.22 4.54 10.51
C HIS A 48 -17.61 5.76 9.67
N GLN A 49 -16.96 6.91 9.89
CA GLN A 49 -17.29 8.12 9.16
C GLN A 49 -16.29 8.44 8.06
N LEU A 50 -15.11 7.82 8.07
CA LEU A 50 -14.11 8.05 7.05
C LEU A 50 -13.26 6.79 6.95
N PRO A 51 -13.14 6.20 5.75
CA PRO A 51 -13.79 6.54 4.48
C PRO A 51 -15.29 6.25 4.54
N GLN A 52 -16.13 7.14 4.04
CA GLN A 52 -17.57 6.91 4.10
C GLN A 52 -17.94 5.68 3.29
N SER A 53 -18.63 4.74 3.94
CA SER A 53 -18.94 3.44 3.34
C SER A 53 -20.44 3.19 3.42
N PRO A 54 -21.15 3.19 2.28
CA PRO A 54 -20.70 3.42 0.90
C PRO A 54 -20.35 4.88 0.65
N PRO A 55 -19.73 5.20 -0.50
CA PRO A 55 -19.34 4.30 -1.60
C PRO A 55 -18.13 3.43 -1.29
N TYR A 56 -17.28 3.81 -0.35
CA TYR A 56 -16.16 2.95 0.03
C TYR A 56 -16.69 1.64 0.61
N PHE A 57 -15.87 0.60 0.54
CA PHE A 57 -16.25 -0.72 1.03
C PHE A 57 -15.76 -0.88 2.47
N GLU A 58 -16.68 -0.73 3.41
CA GLU A 58 -16.45 -1.04 4.82
C GLU A 58 -15.08 -0.55 5.30
N GLY A 59 -14.81 0.71 5.06
CA GLY A 59 -13.62 1.34 5.58
C GLY A 59 -12.37 1.20 4.73
N ARG A 60 -12.37 0.33 3.73
CA ARG A 60 -11.25 0.25 2.82
C ARG A 60 -11.23 1.47 1.91
N PHE A 61 -10.03 1.85 1.47
CA PHE A 61 -9.87 2.96 0.54
C PHE A 61 -10.02 2.50 -0.91
N SER A 62 -11.06 1.71 -1.13
CA SER A 62 -11.45 1.21 -2.45
C SER A 62 -12.91 0.76 -2.33
N ASN A 63 -13.43 0.17 -3.41
CA ASN A 63 -14.79 -0.35 -3.40
C ASN A 63 -14.83 -1.86 -3.19
N GLY A 64 -13.79 -2.42 -2.58
CA GLY A 64 -13.74 -3.83 -2.29
C GLY A 64 -12.60 -4.15 -1.35
N PRO A 65 -12.41 -5.44 -1.05
CA PRO A 65 -11.29 -5.83 -0.20
C PRO A 65 -9.96 -5.40 -0.82
N VAL A 66 -9.00 -5.09 0.04
CA VAL A 66 -7.69 -4.63 -0.41
C VAL A 66 -6.81 -5.83 -0.72
N TRP A 67 -5.70 -5.60 -1.43
CA TRP A 67 -4.92 -6.69 -1.98
C TRP A 67 -4.47 -7.67 -0.90
N ILE A 68 -4.03 -7.15 0.25
CA ILE A 68 -3.46 -8.03 1.27
C ILE A 68 -4.55 -8.87 1.92
N GLU A 69 -5.79 -8.40 1.92
CA GLU A 69 -6.90 -9.24 2.40
C GLU A 69 -7.08 -10.45 1.49
N ARG A 70 -7.16 -10.22 0.17
CA ARG A 70 -7.35 -11.32 -0.75
C ARG A 70 -6.19 -12.32 -0.67
N LEU A 71 -4.96 -11.82 -0.56
CA LEU A 71 -3.81 -12.71 -0.48
C LEU A 71 -3.91 -13.63 0.72
N ALA A 72 -4.26 -13.08 1.88
CA ALA A 72 -4.46 -13.92 3.06
C ALA A 72 -5.65 -14.86 2.88
N ALA A 73 -6.66 -14.43 2.11
CA ALA A 73 -7.81 -15.29 1.86
C ALA A 73 -7.42 -16.53 1.08
N SER A 74 -6.50 -16.39 0.12
CA SER A 74 -6.09 -17.52 -0.69
C SER A 74 -5.28 -18.54 0.10
N TYR A 75 -4.65 -18.12 1.21
CA TYR A 75 -3.83 -19.02 2.00
C TYR A 75 -4.59 -19.70 3.11
N PHE A 76 -5.52 -18.98 3.75
CA PHE A 76 -6.28 -19.49 4.90
C PHE A 76 -7.76 -19.32 4.62
N PRO A 77 -8.36 -20.20 3.81
CA PRO A 77 -9.79 -20.09 3.51
C PRO A 77 -10.63 -20.38 4.74
N ASN A 78 -11.80 -19.76 4.81
CA ASN A 78 -12.79 -19.91 5.85
C ASN A 78 -12.41 -19.12 7.11
N ASP A 79 -11.20 -18.60 7.21
CA ASP A 79 -10.79 -17.84 8.38
C ASP A 79 -9.44 -17.16 8.13
N PRO A 80 -9.37 -16.19 7.21
CA PRO A 80 -8.10 -15.53 6.94
C PRO A 80 -7.77 -14.43 7.93
N ASN A 81 -8.82 -13.75 8.42
CA ASN A 81 -8.63 -12.63 9.34
C ASN A 81 -8.10 -13.06 10.70
N SER A 82 -7.96 -14.35 10.95
CA SER A 82 -7.22 -14.84 12.12
C SER A 82 -5.76 -15.12 11.80
N HIS A 83 -5.34 -14.89 10.54
CA HIS A 83 -3.95 -15.04 10.14
C HIS A 83 -3.38 -13.76 9.54
N LEU A 84 -4.14 -12.66 9.59
CA LEU A 84 -3.71 -11.38 9.04
C LEU A 84 -3.65 -10.36 10.15
N LEU A 85 -2.46 -9.86 10.45
CA LEU A 85 -2.26 -8.76 11.39
C LEU A 85 -1.96 -7.52 10.56
N ASP A 86 -3.01 -6.74 10.28
CA ASP A 86 -2.92 -5.58 9.41
C ASP A 86 -2.79 -4.33 10.26
N TYR A 87 -1.57 -3.77 10.30
CA TYR A 87 -1.29 -2.54 11.03
C TYR A 87 -1.29 -1.31 10.14
N ALA A 88 -1.62 -1.46 8.87
CA ALA A 88 -1.63 -0.32 7.95
C ALA A 88 -2.74 0.65 8.32
N PHE A 89 -2.40 1.93 8.39
CA PHE A 89 -3.34 3.00 8.70
C PHE A 89 -3.52 3.88 7.47
N GLY A 90 -4.76 4.26 7.20
CA GLY A 90 -5.00 5.23 6.15
C GLY A 90 -4.26 6.53 6.44
N GLY A 91 -3.67 7.10 5.40
CA GLY A 91 -2.88 8.31 5.55
C GLY A 91 -1.51 8.11 6.15
N ALA A 92 -1.08 6.86 6.33
CA ALA A 92 0.19 6.59 6.98
C ALA A 92 1.34 6.72 5.99
N GLY A 93 2.53 6.99 6.54
CA GLY A 93 3.72 7.16 5.74
C GLY A 93 4.98 7.23 6.58
N VAL A 94 6.00 7.89 6.08
CA VAL A 94 7.28 8.04 6.78
C VAL A 94 7.32 9.42 7.41
N SER A 95 7.77 9.48 8.67
CA SER A 95 7.85 10.74 9.39
C SER A 95 8.87 11.67 8.75
N VAL A 103 1.12 13.48 7.17
CA VAL A 103 1.19 12.05 7.50
C VAL A 103 0.38 11.78 8.77
N PHE A 104 -0.60 10.89 8.65
CA PHE A 104 -1.47 10.57 9.77
C PHE A 104 -0.78 9.67 10.80
N PHE A 105 0.02 8.72 10.33
CA PHE A 105 0.67 7.74 11.21
C PHE A 105 1.98 7.32 10.55
N THR A 106 2.93 6.90 11.38
CA THR A 106 4.28 6.59 10.92
C THR A 106 4.52 5.08 10.90
N LEU A 107 5.39 4.65 9.99
CA LEU A 107 5.75 3.24 9.91
C LEU A 107 6.39 2.76 11.20
N ARG A 108 7.30 3.56 11.77
CA ARG A 108 7.92 3.21 13.03
C ARG A 108 6.87 2.89 14.09
N ARG A 109 5.76 3.61 14.07
CA ARG A 109 4.75 3.40 15.10
C ARG A 109 3.88 2.19 14.78
N GLU A 110 3.67 1.89 13.50
CA GLU A 110 3.04 0.62 13.15
C GLU A 110 3.88 -0.55 13.64
N VAL A 111 5.20 -0.49 13.40
CA VAL A 111 6.09 -1.53 13.88
C VAL A 111 6.11 -1.55 15.41
N ASN A 112 6.22 -0.37 16.03
CA ASN A 112 6.17 -0.30 17.49
C ASN A 112 4.90 -0.95 18.03
N SER A 113 3.77 -0.71 17.36
CA SER A 113 2.52 -1.34 17.78
C SER A 113 2.64 -2.86 17.80
N TYR A 114 3.23 -3.42 16.75
CA TYR A 114 3.42 -4.88 16.72
C TYR A 114 4.36 -5.32 17.81
N LEU A 115 5.50 -4.63 17.97
CA LEU A 115 6.49 -5.05 18.95
C LEU A 115 5.98 -4.90 20.37
N LEU A 116 5.15 -3.87 20.62
CA LEU A 116 4.56 -3.72 21.94
C LEU A 116 3.69 -4.92 22.31
N ALA A 117 2.89 -5.41 21.35
CA ALA A 117 1.96 -6.49 21.59
C ALA A 117 2.58 -7.87 21.40
N HIS A 118 3.90 -7.95 21.24
CA HIS A 118 4.56 -9.25 21.11
C HIS A 118 5.85 -9.32 21.93
N GLN A 119 5.97 -8.50 22.96
CA GLN A 119 7.14 -8.53 23.85
C GLN A 119 8.42 -8.24 23.08
N ASP A 120 8.32 -7.36 22.09
CA ASP A 120 9.48 -6.90 21.33
C ASP A 120 10.16 -8.01 20.55
N LYS A 121 9.41 -9.06 20.18
CA LYS A 121 9.95 -10.17 19.41
C LYS A 121 9.14 -10.35 18.13
N ALA A 122 9.82 -10.25 16.99
CA ALA A 122 9.20 -10.53 15.70
C ALA A 122 9.13 -12.04 15.51
N SER A 123 7.93 -12.56 15.29
CA SER A 123 7.76 -14.00 15.17
C SER A 123 8.59 -14.55 14.02
N PRO A 124 9.25 -15.70 14.19
CA PRO A 124 10.04 -16.26 13.10
C PRO A 124 9.21 -16.91 12.01
N ASP A 125 7.97 -17.32 12.31
CA ASP A 125 7.10 -17.98 11.35
C ASP A 125 6.08 -17.02 10.75
N SER A 126 6.33 -15.72 10.81
CA SER A 126 5.44 -14.71 10.26
C SER A 126 6.06 -14.08 9.02
N LEU A 127 5.20 -13.74 8.06
CA LEU A 127 5.60 -13.01 6.86
C LEU A 127 5.30 -11.53 7.07
N PHE A 128 6.35 -10.71 7.05
CA PHE A 128 6.22 -9.28 7.25
C PHE A 128 6.19 -8.57 5.91
N VAL A 129 5.26 -7.65 5.75
CA VAL A 129 5.03 -6.95 4.48
C VAL A 129 5.14 -5.45 4.76
N ILE A 130 5.91 -4.75 3.92
CA ILE A 130 6.10 -3.32 4.05
C ILE A 130 5.81 -2.69 2.68
N TRP A 131 4.70 -1.97 2.58
CA TRP A 131 4.33 -1.23 1.38
C TRP A 131 4.02 0.20 1.84
N ILE A 132 4.98 1.09 1.69
CA ILE A 132 4.92 2.41 2.30
C ILE A 132 5.62 3.42 1.40
N GLY A 133 5.16 4.67 1.45
CA GLY A 133 5.79 5.75 0.73
C GLY A 133 4.82 6.58 -0.09
N ALA A 134 3.79 5.93 -0.64
CA ALA A 134 2.88 6.63 -1.55
C ALA A 134 2.28 7.87 -0.92
N ASN A 135 1.95 7.79 0.38
CA ASN A 135 1.27 8.91 1.03
C ASN A 135 2.20 10.11 1.19
N ASN A 136 3.50 9.87 1.40
CA ASN A 136 4.45 10.98 1.52
C ASN A 136 4.59 11.73 0.20
N TYR A 137 4.58 11.00 -0.92
CA TYR A 137 4.78 11.64 -2.22
C TYR A 137 3.50 12.26 -2.75
N LEU A 138 2.35 11.61 -2.52
CA LEU A 138 1.09 12.15 -3.01
C LEU A 138 0.72 13.44 -2.31
N GLY A 139 1.19 13.63 -1.07
CA GLY A 139 1.05 14.93 -0.42
C GLY A 139 1.72 16.07 -1.15
N MET A 140 2.60 15.76 -2.11
CA MET A 140 3.28 16.77 -2.93
C MET A 140 4.00 17.77 -2.03
N PRO A 141 5.04 17.33 -1.31
CA PRO A 141 5.75 18.24 -0.42
C PRO A 141 6.63 19.22 -1.18
N VAL A 142 7.34 20.08 -0.45
CA VAL A 142 8.16 21.11 -1.07
C VAL A 142 9.59 20.63 -1.31
N GLU A 143 10.12 19.81 -0.40
CA GLU A 143 11.47 19.28 -0.54
CA GLU A 143 11.47 19.28 -0.54
C GLU A 143 11.41 17.96 -1.31
N VAL A 144 11.84 17.98 -2.57
CA VAL A 144 11.82 16.76 -3.36
C VAL A 144 12.86 15.76 -2.84
N GLU A 145 14.13 16.16 -2.85
CA GLU A 145 15.19 15.19 -2.54
C GLU A 145 15.17 14.79 -1.07
N GLU A 146 14.89 15.72 -0.17
CA GLU A 146 14.89 15.38 1.25
C GLU A 146 13.76 14.43 1.59
N THR A 147 12.63 14.51 0.88
CA THR A 147 11.54 13.57 1.10
C THR A 147 11.91 12.19 0.59
N LEU A 148 12.40 12.10 -0.65
CA LEU A 148 12.94 10.85 -1.14
C LEU A 148 13.94 10.26 -0.16
N LYS A 149 14.79 11.11 0.41
CA LYS A 149 15.81 10.64 1.34
C LYS A 149 15.17 10.07 2.60
N ASN A 150 14.28 10.82 3.23
CA ASN A 150 13.74 10.41 4.53
C ASN A 150 12.78 9.23 4.40
N VAL A 151 12.10 9.10 3.27
CA VAL A 151 11.22 7.95 3.07
C VAL A 151 12.03 6.67 3.03
N ASN A 152 13.06 6.64 2.17
CA ASN A 152 13.86 5.42 2.03
C ASN A 152 14.65 5.13 3.30
N ARG A 153 15.08 6.18 4.00
CA ARG A 153 15.79 5.96 5.26
C ARG A 153 14.85 5.40 6.33
N GLY A 154 13.60 5.84 6.33
CA GLY A 154 12.64 5.30 7.29
C GLY A 154 12.32 3.85 7.04
N ILE A 155 12.27 3.45 5.77
CA ILE A 155 11.99 2.05 5.45
C ILE A 155 13.18 1.18 5.83
N ALA A 156 14.38 1.58 5.42
CA ALA A 156 15.57 0.81 5.78
C ALA A 156 15.66 0.63 7.29
N ASP A 157 15.39 1.69 8.05
CA ASP A 157 15.40 1.57 9.51
C ASP A 157 14.39 0.53 9.97
N SER A 158 13.21 0.51 9.37
CA SER A 158 12.17 -0.43 9.79
C SER A 158 12.59 -1.87 9.52
N ILE A 159 13.25 -2.12 8.38
CA ILE A 159 13.70 -3.48 8.10
C ILE A 159 14.78 -3.89 9.09
N GLN A 160 15.68 -2.97 9.42
CA GLN A 160 16.73 -3.28 10.40
C GLN A 160 16.12 -3.64 11.74
N ARG A 161 15.16 -2.85 12.22
CA ARG A 161 14.52 -3.15 13.50
C ARG A 161 13.89 -4.53 13.48
N LEU A 162 13.08 -4.82 12.46
CA LEU A 162 12.43 -6.12 12.38
C LEU A 162 13.46 -7.25 12.32
N VAL A 163 14.52 -7.06 11.52
CA VAL A 163 15.57 -8.07 11.46
C VAL A 163 16.26 -8.21 12.82
N ASP A 164 16.42 -7.09 13.52
CA ASP A 164 17.07 -7.14 14.83
C ASP A 164 16.20 -7.86 15.86
N LYS A 165 14.88 -7.85 15.70
CA LYS A 165 13.98 -8.48 16.64
C LYS A 165 13.61 -9.90 16.24
N GLY A 166 14.20 -10.44 15.18
CA GLY A 166 14.05 -11.83 14.83
C GLY A 166 13.22 -12.13 13.59
N ALA A 167 12.89 -11.14 12.78
CA ALA A 167 12.13 -11.41 11.56
C ALA A 167 12.94 -12.28 10.61
N LYS A 168 12.29 -13.30 10.05
CA LYS A 168 12.95 -14.22 9.13
C LYS A 168 12.35 -14.22 7.74
N HIS A 169 11.23 -13.52 7.54
CA HIS A 169 10.54 -13.49 6.24
C HIS A 169 9.99 -12.09 6.05
N ILE A 170 10.62 -11.30 5.18
CA ILE A 170 10.27 -9.90 4.96
C ILE A 170 9.98 -9.69 3.49
N LEU A 171 8.80 -9.16 3.18
CA LEU A 171 8.39 -8.83 1.83
C LEU A 171 8.31 -7.31 1.70
N VAL A 172 9.00 -6.75 0.71
CA VAL A 172 9.01 -5.32 0.45
C VAL A 172 8.47 -5.07 -0.95
N LEU A 173 7.59 -4.09 -1.07
CA LEU A 173 6.97 -3.74 -2.35
C LEU A 173 7.29 -2.30 -2.70
N ASN A 174 7.62 -2.05 -3.96
CA ASN A 174 7.95 -0.71 -4.41
C ASN A 174 6.68 -0.02 -4.89
N LEU A 175 6.83 1.18 -5.47
CA LEU A 175 5.64 1.99 -5.74
C LEU A 175 5.24 1.90 -7.21
N PRO A 176 3.95 2.05 -7.50
CA PRO A 176 3.53 2.24 -8.90
C PRO A 176 3.91 3.63 -9.38
N ASP A 177 3.81 3.81 -10.69
CA ASP A 177 4.05 5.14 -11.29
C ASP A 177 2.97 6.09 -10.80
N LEU A 178 3.26 6.86 -9.75
CA LEU A 178 2.26 7.75 -9.18
C LEU A 178 1.85 8.85 -10.15
N GLY A 179 2.65 9.11 -11.19
CA GLY A 179 2.27 10.07 -12.21
C GLY A 179 1.02 9.69 -12.97
N ARG A 180 0.54 8.47 -12.83
CA ARG A 180 -0.66 8.01 -13.50
C ARG A 180 -1.91 8.10 -12.63
N THR A 181 -1.81 8.64 -11.42
CA THR A 181 -3.00 8.85 -10.61
C THR A 181 -3.81 10.03 -11.17
N PRO A 182 -5.13 9.97 -11.08
CA PRO A 182 -5.93 11.14 -11.48
C PRO A 182 -5.52 12.41 -10.74
N ALA A 183 -5.08 12.29 -9.49
CA ALA A 183 -4.56 13.46 -8.77
C ALA A 183 -3.45 14.14 -9.56
N ALA A 184 -2.42 13.36 -9.93
CA ALA A 184 -1.33 13.93 -10.70
C ALA A 184 -1.80 14.44 -12.06
N LEU A 185 -2.77 13.74 -12.67
CA LEU A 185 -3.26 14.15 -13.98
C LEU A 185 -4.12 15.40 -13.91
N GLU A 186 -4.75 15.68 -12.75
CA GLU A 186 -5.57 16.88 -12.61
C GLU A 186 -4.75 18.11 -12.24
N PHE A 187 -3.75 17.95 -11.37
CA PHE A 187 -2.95 19.06 -10.87
C PHE A 187 -1.62 19.20 -11.58
N GLY A 188 -1.45 18.56 -12.73
CA GLY A 188 -0.27 18.72 -13.56
C GLY A 188 1.01 18.18 -12.97
N SER A 189 0.94 17.39 -11.90
CA SER A 189 2.13 16.85 -11.24
C SER A 189 2.58 15.52 -11.82
N VAL A 190 2.30 15.26 -13.10
CA VAL A 190 2.75 14.01 -13.71
C VAL A 190 4.26 13.88 -13.60
N GLU A 191 4.98 14.98 -13.85
CA GLU A 191 6.44 14.94 -13.82
C GLU A 191 6.95 14.66 -12.42
N GLU A 192 6.48 15.42 -11.43
CA GLU A 192 6.98 15.27 -10.07
C GLU A 192 6.62 13.89 -9.51
N MET A 193 5.41 13.41 -9.79
CA MET A 193 4.97 12.15 -9.20
C MET A 193 5.67 10.96 -9.86
N THR A 194 5.83 10.99 -11.18
CA THR A 194 6.60 9.95 -11.85
C THR A 194 8.06 9.98 -11.40
N TYR A 195 8.59 11.19 -11.18
CA TYR A 195 9.97 11.30 -10.69
C TYR A 195 10.10 10.70 -9.30
N PHE A 196 9.12 10.98 -8.42
CA PHE A 196 9.16 10.38 -7.09
C PHE A 196 9.12 8.86 -7.16
N SER A 197 8.27 8.32 -8.03
CA SER A 197 8.11 6.87 -8.10
C SER A 197 9.40 6.19 -8.56
N ALA A 198 10.01 6.72 -9.62
CA ALA A 198 11.21 6.09 -10.16
C ALA A 198 12.38 6.20 -9.19
N GLN A 199 12.65 7.40 -8.69
CA GLN A 199 13.78 7.59 -7.78
C GLN A 199 13.57 6.82 -6.49
N HIS A 200 12.33 6.75 -6.01
CA HIS A 200 12.05 5.97 -4.80
C HIS A 200 12.31 4.49 -5.05
N ASN A 201 11.80 3.95 -6.17
CA ASN A 201 11.98 2.54 -6.46
C ASN A 201 13.43 2.18 -6.69
N ASN A 202 14.22 3.11 -7.23
CA ASN A 202 15.64 2.83 -7.44
C ASN A 202 16.39 2.76 -6.13
N ALA A 203 16.14 3.71 -5.22
CA ALA A 203 16.79 3.68 -3.92
C ALA A 203 16.33 2.48 -3.10
N LEU A 204 15.04 2.15 -3.17
CA LEU A 204 14.53 1.00 -2.43
C LEU A 204 15.15 -0.29 -2.94
N SER A 205 15.35 -0.40 -4.25
CA SER A 205 16.00 -1.58 -4.81
C SER A 205 17.40 -1.75 -4.23
N ASN A 206 18.18 -0.66 -4.17
CA ASN A 206 19.50 -0.74 -3.58
C ASN A 206 19.43 -1.03 -2.09
N THR A 207 18.42 -0.51 -1.41
CA THR A 207 18.24 -0.81 0.01
C THR A 207 18.03 -2.30 0.22
N VAL A 208 17.09 -2.90 -0.52
CA VAL A 208 16.82 -4.32 -0.36
C VAL A 208 18.01 -5.16 -0.80
N ASP A 209 18.76 -4.68 -1.80
CA ASP A 209 19.96 -5.42 -2.21
C ASP A 209 21.00 -5.45 -1.10
N TYR A 210 21.09 -4.39 -0.31
CA TYR A 210 22.02 -4.39 0.82
C TYR A 210 21.61 -5.45 1.84
N PHE A 211 20.36 -5.43 2.27
CA PHE A 211 19.89 -6.38 3.28
C PHE A 211 19.95 -7.82 2.79
N LYS A 212 19.98 -8.03 1.48
CA LYS A 212 20.15 -9.39 0.97
C LYS A 212 21.61 -9.83 1.04
N LYS A 213 22.53 -8.93 0.70
CA LYS A 213 23.96 -9.20 0.81
C LYS A 213 24.47 -9.08 2.24
N THR A 214 23.58 -8.88 3.21
CA THR A 214 23.95 -8.77 4.62
C THR A 214 23.30 -9.83 5.49
N TYR A 215 22.03 -10.15 5.23
CA TYR A 215 21.28 -11.14 6.01
C TYR A 215 20.76 -12.22 5.07
N PRO A 216 21.63 -13.11 4.58
CA PRO A 216 21.16 -14.25 3.77
C PRO A 216 20.39 -15.27 4.59
N GLU A 217 20.43 -15.19 5.91
CA GLU A 217 19.63 -16.08 6.74
C GLU A 217 18.15 -15.70 6.72
N VAL A 218 17.84 -14.47 6.33
CA VAL A 218 16.46 -13.99 6.27
C VAL A 218 15.96 -14.16 4.84
N GLU A 219 14.77 -14.72 4.69
CA GLU A 219 14.15 -14.81 3.38
C GLU A 219 13.69 -13.44 2.94
N TRP A 220 14.25 -12.94 1.84
CA TRP A 220 13.96 -11.62 1.33
C TRP A 220 13.08 -11.76 0.10
N LEU A 221 11.92 -11.14 0.13
CA LEU A 221 10.95 -11.17 -0.96
C LEU A 221 10.70 -9.75 -1.44
N PHE A 222 10.60 -9.59 -2.75
CA PHE A 222 10.43 -8.29 -3.38
C PHE A 222 9.32 -8.35 -4.40
N PHE A 223 8.58 -7.25 -4.52
CA PHE A 223 7.50 -7.13 -5.50
C PHE A 223 7.69 -5.81 -6.24
N ASP A 224 7.96 -5.89 -7.54
CA ASP A 224 8.19 -4.72 -8.37
C ASP A 224 6.84 -4.18 -8.82
N THR A 225 6.16 -3.50 -7.90
CA THR A 225 4.86 -2.93 -8.23
C THR A 225 4.96 -2.00 -9.43
N GLY A 226 6.07 -1.27 -9.54
CA GLY A 226 6.20 -0.34 -10.65
C GLY A 226 6.02 -1.01 -12.00
N SER A 227 6.72 -2.12 -12.22
CA SER A 227 6.62 -2.79 -13.51
C SER A 227 5.28 -3.50 -13.67
N HIS A 228 4.76 -4.10 -12.59
CA HIS A 228 3.49 -4.80 -12.67
C HIS A 228 2.35 -3.85 -13.03
N PHE A 229 2.35 -2.65 -12.44
CA PHE A 229 1.28 -1.70 -12.73
C PHE A 229 1.42 -1.11 -14.12
N ASP A 230 2.65 -0.97 -14.62
CA ASP A 230 2.83 -0.49 -15.99
C ASP A 230 2.35 -1.51 -17.01
N HIS A 231 2.55 -2.80 -16.73
CA HIS A 231 2.06 -3.83 -17.64
C HIS A 231 0.53 -3.85 -17.66
N VAL A 232 -0.09 -3.74 -16.48
CA VAL A 232 -1.56 -3.67 -16.43
C VAL A 232 -2.05 -2.44 -17.18
N ILE A 233 -1.42 -1.29 -16.95
CA ILE A 233 -1.82 -0.06 -17.64
C ILE A 233 -1.76 -0.26 -19.15
N GLU A 234 -0.64 -0.76 -19.65
CA GLU A 234 -0.49 -0.94 -21.10
C GLU A 234 -1.41 -2.02 -21.65
N HIS A 235 -2.04 -2.82 -20.80
CA HIS A 235 -3.00 -3.85 -21.22
C HIS A 235 -4.27 -3.73 -20.37
N ALA A 236 -4.73 -2.50 -20.16
CA ALA A 236 -5.84 -2.26 -19.24
C ALA A 236 -7.09 -3.02 -19.66
N SER A 237 -7.42 -2.96 -20.96
CA SER A 237 -8.63 -3.64 -21.43
C SER A 237 -8.53 -5.14 -21.23
N GLU A 238 -7.32 -5.70 -21.36
CA GLU A 238 -7.16 -7.15 -21.20
C GLU A 238 -7.35 -7.56 -19.75
N TYR A 239 -7.09 -6.67 -18.80
CA TYR A 239 -7.30 -6.95 -17.40
C TYR A 239 -8.69 -6.56 -16.91
N GLY A 240 -9.52 -5.98 -17.78
CA GLY A 240 -10.91 -5.71 -17.45
C GLY A 240 -11.26 -4.25 -17.26
N PHE A 241 -10.31 -3.33 -17.44
CA PHE A 241 -10.55 -1.91 -17.21
C PHE A 241 -10.94 -1.21 -18.49
N THR A 242 -11.96 -0.37 -18.41
CA THR A 242 -12.41 0.44 -19.54
C THR A 242 -12.06 1.92 -19.40
N ASN A 243 -11.60 2.34 -18.22
CA ASN A 243 -11.20 3.73 -18.00
C ASN A 243 -10.08 3.75 -16.98
N ILE A 244 -8.99 4.45 -17.30
CA ILE A 244 -7.83 4.54 -16.42
C ILE A 244 -7.54 5.95 -15.96
N THR A 245 -8.23 6.97 -16.50
CA THR A 245 -7.97 8.35 -16.15
C THR A 245 -9.02 8.95 -15.23
N GLY A 246 -10.26 8.48 -15.31
CA GLY A 246 -11.33 8.99 -14.48
C GLY A 246 -11.33 8.37 -13.09
N THR A 247 -12.38 8.70 -12.34
CA THR A 247 -12.54 8.20 -10.99
C THR A 247 -13.96 7.68 -10.80
N CYS A 248 -14.08 6.61 -10.01
CA CYS A 248 -15.39 6.10 -9.64
C CYS A 248 -16.14 7.11 -8.79
N SER A 249 -15.57 7.49 -7.66
CA SER A 249 -16.17 8.49 -6.79
C SER A 249 -15.94 9.88 -7.38
N PHE A 250 -16.26 10.91 -6.61
CA PHE A 250 -16.06 12.29 -7.02
C PHE A 250 -15.67 13.10 -5.80
N SER A 251 -14.70 14.00 -5.95
CA SER A 251 -14.21 14.80 -4.84
C SER A 251 -13.80 16.17 -5.34
N ILE A 252 -13.76 17.13 -4.42
CA ILE A 252 -13.38 18.51 -4.72
C ILE A 252 -12.46 19.00 -3.62
N VAL A 253 -11.28 19.47 -3.99
CA VAL A 253 -10.29 19.96 -3.03
C VAL A 253 -9.63 21.21 -3.59
N ASP A 254 -8.98 21.96 -2.70
CA ASP A 254 -8.34 23.23 -3.04
C ASP A 254 -6.95 23.28 -2.42
N GLU A 255 -6.17 24.25 -2.91
CA GLU A 255 -4.76 24.40 -2.56
C GLU A 255 -4.39 23.91 -1.17
N ILE A 256 -4.62 24.74 -0.15
CA ILE A 256 -4.14 24.44 1.19
C ILE A 256 -4.64 23.07 1.65
N THR A 257 -5.96 22.90 1.71
CA THR A 257 -6.52 21.67 2.27
C THR A 257 -6.18 20.45 1.44
N LYS A 258 -5.99 20.62 0.13
CA LYS A 258 -5.81 19.47 -0.75
C LYS A 258 -4.48 18.75 -0.54
N ASN A 259 -3.59 19.26 0.32
CA ASN A 259 -2.24 18.74 0.43
C ASN A 259 -2.15 17.42 1.21
N SER A 260 -3.11 16.52 1.03
CA SER A 260 -3.03 15.23 1.70
C SER A 260 -4.05 14.28 1.11
N VAL A 261 -3.78 12.98 1.26
CA VAL A 261 -4.68 11.95 0.74
C VAL A 261 -5.96 11.90 1.56
N LEU A 262 -5.85 12.08 2.89
CA LEU A 262 -7.03 11.93 3.74
C LEU A 262 -8.03 13.08 3.51
N LYS A 263 -7.54 14.30 3.31
CA LYS A 263 -8.46 15.39 2.99
C LYS A 263 -9.14 15.16 1.65
N MET A 264 -8.41 14.62 0.68
CA MET A 264 -9.02 14.24 -0.59
C MET A 264 -10.10 13.18 -0.39
N VAL A 265 -9.83 12.19 0.46
CA VAL A 265 -10.83 11.19 0.77
C VAL A 265 -11.99 11.80 1.54
N ALA A 266 -11.69 12.74 2.44
CA ALA A 266 -12.75 13.39 3.21
C ALA A 266 -13.63 14.28 2.34
N SER A 267 -13.11 14.73 1.19
CA SER A 267 -13.86 15.59 0.28
C SER A 267 -14.63 14.81 -0.77
N VAL A 268 -14.81 13.50 -0.57
CA VAL A 268 -15.60 12.71 -1.50
C VAL A 268 -17.07 13.04 -1.33
N LYS A 269 -17.79 13.12 -2.45
CA LYS A 269 -19.23 13.40 -2.44
C LYS A 269 -19.98 12.09 -2.68
N PRO A 270 -20.50 11.43 -1.64
CA PRO A 270 -21.15 10.13 -1.86
C PRO A 270 -22.30 10.20 -2.83
N GLU A 271 -23.05 11.31 -2.84
CA GLU A 271 -24.21 11.42 -3.73
C GLU A 271 -23.79 11.46 -5.19
N LEU A 272 -22.54 11.80 -5.49
CA LEU A 272 -22.07 11.92 -6.87
C LEU A 272 -21.18 10.76 -7.29
N THR A 273 -21.09 9.71 -6.48
CA THR A 273 -20.30 8.54 -6.86
C THR A 273 -21.07 7.66 -7.83
N GLU A 274 -20.37 7.19 -8.86
CA GLU A 274 -21.01 6.34 -9.86
C GLU A 274 -21.50 5.05 -9.22
N SER A 275 -22.68 4.60 -9.66
CA SER A 275 -23.22 3.35 -9.15
C SER A 275 -22.49 2.16 -9.73
N ALA A 276 -22.19 2.20 -11.04
CA ALA A 276 -21.46 1.14 -11.73
C ALA A 276 -20.03 1.62 -11.98
N CYS A 277 -19.07 0.96 -11.35
CA CYS A 277 -17.66 1.29 -11.53
C CYS A 277 -16.85 0.10 -12.03
N ASP A 278 -17.50 -0.86 -12.66
CA ASP A 278 -16.79 -1.91 -13.38
C ASP A 278 -16.11 -1.29 -14.58
N GLY A 279 -14.77 -1.34 -14.61
CA GLY A 279 -13.97 -0.74 -15.67
C GLY A 279 -13.05 0.36 -15.19
N TYR A 280 -13.45 1.08 -14.14
CA TYR A 280 -12.59 2.11 -13.57
C TYR A 280 -11.35 1.46 -12.93
N LEU A 281 -10.21 2.07 -13.18
CA LEU A 281 -8.97 1.67 -12.52
C LEU A 281 -8.74 2.41 -11.20
N PHE A 282 -9.38 3.56 -11.02
CA PHE A 282 -9.19 4.37 -9.81
C PHE A 282 -10.55 4.66 -9.19
N PHE A 283 -10.69 4.28 -7.91
CA PHE A 283 -11.94 4.57 -7.21
C PHE A 283 -12.00 6.04 -6.81
N ASP A 284 -10.88 6.63 -6.42
CA ASP A 284 -10.82 8.06 -6.13
C ASP A 284 -9.55 8.60 -6.78
N LEU A 285 -9.11 9.79 -6.34
CA LEU A 285 -8.04 10.49 -7.03
C LEU A 285 -6.71 9.77 -6.97
N VAL A 286 -6.56 8.74 -6.12
CA VAL A 286 -5.29 8.03 -6.04
C VAL A 286 -5.50 6.53 -5.78
N HIS A 287 -6.64 6.17 -5.22
CA HIS A 287 -6.79 4.78 -4.79
C HIS A 287 -7.38 3.92 -5.90
N PRO A 288 -6.85 2.72 -6.11
CA PRO A 288 -7.38 1.85 -7.17
C PRO A 288 -8.65 1.14 -6.75
N THR A 289 -9.39 0.68 -7.77
CA THR A 289 -10.67 0.03 -7.55
C THR A 289 -10.47 -1.40 -7.04
N ALA A 290 -11.58 -2.11 -6.86
CA ALA A 290 -11.53 -3.44 -6.28
C ALA A 290 -10.87 -4.43 -7.23
N LEU A 291 -11.10 -4.29 -8.53
CA LEU A 291 -10.48 -5.18 -9.50
C LEU A 291 -8.97 -5.06 -9.46
N ALA A 292 -8.45 -3.84 -9.37
CA ALA A 292 -7.01 -3.64 -9.33
C ALA A 292 -6.38 -4.25 -8.08
N HIS A 293 -7.13 -4.30 -6.97
CA HIS A 293 -6.62 -4.97 -5.79
C HIS A 293 -6.58 -6.48 -5.99
N LYS A 294 -7.56 -7.03 -6.69
CA LYS A 294 -7.56 -8.47 -6.96
C LYS A 294 -6.39 -8.87 -7.86
N ILE A 295 -6.11 -8.05 -8.88
CA ILE A 295 -4.97 -8.34 -9.76
C ILE A 295 -3.67 -8.30 -8.98
N MET A 296 -3.53 -7.30 -8.10
CA MET A 296 -2.32 -7.20 -7.28
C MET A 296 -2.14 -8.42 -6.40
N ALA A 297 -3.23 -8.87 -5.77
CA ALA A 297 -3.13 -10.02 -4.86
C ALA A 297 -2.79 -11.30 -5.62
N GLU A 298 -3.40 -11.49 -6.79
CA GLU A 298 -3.12 -12.70 -7.57
C GLU A 298 -1.68 -12.72 -8.02
N LYS A 299 -1.15 -11.59 -8.49
CA LYS A 299 0.24 -11.54 -8.91
C LYS A 299 1.18 -11.76 -7.73
N ALA A 300 0.84 -11.17 -6.58
CA ALA A 300 1.67 -11.38 -5.39
C ALA A 300 1.63 -12.84 -4.95
N ARG A 301 0.47 -13.48 -5.06
CA ARG A 301 0.36 -14.89 -4.69
C ARG A 301 1.25 -15.74 -5.60
N LEU A 302 1.23 -15.48 -6.90
CA LEU A 302 2.06 -16.23 -7.83
C LEU A 302 3.54 -16.01 -7.55
N MET A 303 3.91 -14.77 -7.23
CA MET A 303 5.31 -14.48 -6.91
C MET A 303 5.78 -15.27 -5.70
N LEU A 304 4.96 -15.28 -4.65
CA LEU A 304 5.32 -16.05 -3.45
C LEU A 304 5.30 -17.55 -3.73
N ASP A 305 4.35 -18.01 -4.55
CA ASP A 305 4.37 -19.41 -4.98
C ASP A 305 5.64 -19.71 -5.77
N GLU A 306 6.06 -18.77 -6.62
CA GLU A 306 7.30 -18.96 -7.36
C GLU A 306 8.49 -19.03 -6.41
N ALA A 307 8.48 -18.24 -5.34
CA ALA A 307 9.58 -18.19 -4.39
C ALA A 307 9.63 -19.39 -3.46
N GLY A 308 8.56 -20.19 -3.41
CA GLY A 308 8.53 -21.34 -2.52
C GLY A 308 8.08 -21.06 -1.11
N VAL A 309 7.17 -20.11 -0.91
CA VAL A 309 6.67 -19.76 0.41
C VAL A 309 5.43 -20.59 0.70
N GLU A 310 5.40 -21.23 1.86
CA GLU A 310 4.32 -22.13 2.25
C GLU A 310 3.61 -21.59 3.48
N PHE A 311 2.28 -21.66 3.45
CA PHE A 311 1.44 -21.28 4.57
C PHE A 311 0.56 -22.47 4.97
N ALA A 312 0.44 -22.71 6.26
CA ALA A 312 -0.37 -23.82 6.76
C ALA A 312 -0.79 -23.51 8.19
N GLU A 313 -1.24 -24.53 8.93
CA GLU A 313 -1.72 -24.35 10.30
C GLU A 313 -2.86 -23.33 10.33
I IOD B . -14.44 -2.77 -9.69
I IOD C . -20.29 -0.82 2.76
I IOD D . -7.77 -22.01 7.24
I IOD E . -6.38 -7.18 11.37
I IOD F . -3.97 -11.50 -12.90
I IOD G . 9.28 6.32 10.14
I IOD H . -11.38 -11.61 0.77
I IOD I . -18.21 3.02 16.14
I IOD J . -13.46 -7.64 -7.70
I IOD K . -2.68 12.27 5.30
I IOD L . -22.84 14.72 -1.51
I IOD M . -0.47 -4.56 -10.11
I IOD N . 3.17 -8.05 -15.30
#